data_5QIK
#
_entry.id   5QIK
#
_cell.length_a   41.780
_cell.length_b   77.570
_cell.length_c   89.710
_cell.angle_alpha   90.000
_cell.angle_beta   90.000
_cell.angle_gamma   90.000
#
_symmetry.space_group_name_H-M   'P 21 21 21'
#
loop_
_entity.id
_entity.type
_entity.pdbx_description
1 polymer 'TGF-beta receptor type-1'
2 non-polymer N-{4-[3-(6-fluoropyridin-3-yl)-4-oxo-4,5,6,7-tetrahydro-1H-pyrrolo[3,2-c]pyridin-2-yl]pyridin-2-yl}acetamide
3 non-polymer GLYCEROL
4 water water
#
_entity_poly.entity_id   1
_entity_poly.type   'polypeptide(L)'
_entity_poly.pdbx_seq_one_letter_code
;GHMTIARDIVLQESIGKGRFGEVWRGKWRGEEVAVKIFSSREERSWFREAEIYQTVMLRHENILGFIAADNKDNGTWTQL
WLVSDYHEHGSLFDYLNRYTVTVEGMIKLALSTASGLAHLHMEIVGTQGKPAIAHRDLKSKNILVKKNGTCCIADLGLAV
RHDSATDTIDIAPNHRVGTKRYMAPEVLDDSINMKHFESFKRADIYAMGLVFWEIARRCSIGGIHEDYQLPYYDLVPSDP
SVEEMRKVVCEQKLRPNIPNRWQSCEALRVMAKIMRECWYANGAARLTALRIKKTLSQLSQQEGIKM
;
_entity_poly.pdbx_strand_id   A
#
# COMPACT_ATOMS: atom_id res chain seq x y z
N GLY A 1 -23.70 3.64 23.14
CA GLY A 1 -23.67 4.88 22.36
C GLY A 1 -23.76 4.64 20.87
N HIS A 2 -23.47 5.67 20.06
CA HIS A 2 -23.52 5.56 18.60
C HIS A 2 -22.17 5.14 18.00
N MET A 3 -21.05 5.42 18.71
CA MET A 3 -19.72 5.09 18.18
C MET A 3 -19.48 3.58 18.22
N THR A 4 -18.71 3.09 17.24
CA THR A 4 -18.35 1.67 17.13
C THR A 4 -17.28 1.36 18.17
N ILE A 5 -17.55 0.36 19.03
CA ILE A 5 -16.62 -0.02 20.10
C ILE A 5 -16.47 -1.56 20.16
N ALA A 6 -15.29 -2.00 20.62
CA ALA A 6 -14.95 -3.44 20.61
C ALA A 6 -15.95 -4.33 21.32
N ARG A 7 -16.49 -3.87 22.47
CA ARG A 7 -17.40 -4.75 23.21
C ARG A 7 -18.68 -5.12 22.43
N ASP A 8 -19.02 -4.33 21.39
CA ASP A 8 -20.21 -4.50 20.59
C ASP A 8 -19.91 -5.25 19.26
N ILE A 9 -18.70 -5.79 19.12
CA ILE A 9 -18.27 -6.51 17.91
C ILE A 9 -18.05 -7.98 18.22
N VAL A 10 -18.56 -8.86 17.33
CA VAL A 10 -18.44 -10.30 17.52
C VAL A 10 -17.63 -10.84 16.34
N LEU A 11 -16.52 -11.48 16.65
CA LEU A 11 -15.66 -12.07 15.62
C LEU A 11 -16.34 -13.31 15.03
N GLN A 12 -16.22 -13.45 13.68
CA GLN A 12 -16.89 -14.51 12.94
C GLN A 12 -15.93 -15.41 12.17
N GLU A 13 -14.83 -14.86 11.64
CA GLU A 13 -14.00 -15.61 10.72
C GLU A 13 -12.58 -15.08 10.67
N SER A 14 -11.60 -15.96 10.68
CA SER A 14 -10.17 -15.56 10.52
C SER A 14 -9.94 -15.22 9.05
N ILE A 15 -9.37 -14.01 8.76
CA ILE A 15 -9.21 -13.57 7.37
C ILE A 15 -7.76 -13.15 7.05
N GLY A 16 -6.83 -13.58 7.88
CA GLY A 16 -5.42 -13.36 7.56
C GLY A 16 -4.66 -12.59 8.60
N LYS A 17 -3.58 -11.94 8.17
CA LYS A 17 -2.69 -11.25 9.09
C LYS A 17 -2.14 -9.98 8.52
N GLY A 18 -1.71 -9.11 9.42
CA GLY A 18 -1.03 -7.90 9.00
C GLY A 18 0.45 -8.13 9.19
N ARG A 19 1.24 -7.09 9.02
CA ARG A 19 2.66 -7.11 9.31
C ARG A 19 2.80 -7.56 10.79
N PHE A 20 1.97 -6.97 11.68
CA PHE A 20 1.80 -7.38 13.08
C PHE A 20 0.28 -7.50 13.21
N GLY A 21 -0.18 -8.38 14.07
CA GLY A 21 -1.61 -8.50 14.32
C GLY A 21 -2.28 -9.51 13.41
N GLU A 22 -3.41 -10.04 13.87
CA GLU A 22 -4.15 -11.08 13.16
C GLU A 22 -5.49 -10.49 12.81
N VAL A 23 -5.96 -10.73 11.55
CA VAL A 23 -7.13 -10.08 11.03
C VAL A 23 -8.34 -11.01 11.03
N TRP A 24 -9.48 -10.47 11.48
CA TRP A 24 -10.74 -11.20 11.55
C TRP A 24 -11.85 -10.40 10.92
N ARG A 25 -12.88 -11.10 10.41
CA ARG A 25 -14.13 -10.49 9.98
C ARG A 25 -15.02 -10.52 11.22
N GLY A 26 -15.65 -9.41 11.56
CA GLY A 26 -16.55 -9.35 12.71
C GLY A 26 -17.81 -8.63 12.37
N LYS A 27 -18.78 -8.66 13.26
CA LYS A 27 -20.08 -8.05 13.01
C LYS A 27 -20.36 -7.01 14.08
N TRP A 28 -20.80 -5.82 13.67
CA TRP A 28 -21.12 -4.73 14.57
C TRP A 28 -22.49 -4.20 14.16
N ARG A 29 -23.50 -4.42 15.03
CA ARG A 29 -24.88 -3.98 14.77
C ARG A 29 -25.37 -4.41 13.38
N GLY A 30 -25.11 -5.68 13.06
CA GLY A 30 -25.51 -6.29 11.79
C GLY A 30 -24.58 -6.08 10.60
N GLU A 31 -23.60 -5.17 10.74
CA GLU A 31 -22.67 -4.76 9.67
C GLU A 31 -21.33 -5.47 9.81
N GLU A 32 -20.73 -5.81 8.68
CA GLU A 32 -19.42 -6.46 8.73
C GLU A 32 -18.35 -5.41 8.88
N VAL A 33 -17.38 -5.69 9.73
CA VAL A 33 -16.19 -4.86 9.94
C VAL A 33 -14.94 -5.77 9.93
N ALA A 34 -13.75 -5.19 9.72
CA ALA A 34 -12.52 -5.98 9.81
C ALA A 34 -11.83 -5.55 11.09
N VAL A 35 -11.27 -6.51 11.78
CA VAL A 35 -10.63 -6.28 13.07
C VAL A 35 -9.22 -6.84 13.04
N LYS A 36 -8.23 -6.00 13.38
CA LYS A 36 -6.85 -6.47 13.49
C LYS A 36 -6.52 -6.50 14.98
N ILE A 37 -6.16 -7.70 15.47
CA ILE A 37 -5.97 -7.93 16.90
C ILE A 37 -4.49 -8.10 17.20
N PHE A 38 -4.04 -7.36 18.20
CA PHE A 38 -2.65 -7.40 18.71
C PHE A 38 -2.64 -7.85 20.17
N SER A 39 -1.54 -8.51 20.60
CA SER A 39 -1.41 -8.86 22.00
C SER A 39 -0.88 -7.66 22.81
N SER A 40 -0.91 -7.78 24.15
CA SER A 40 -0.44 -6.73 25.06
C SER A 40 1.04 -6.39 24.83
N ARG A 41 1.86 -7.38 24.42
CA ARG A 41 3.27 -7.11 24.18
C ARG A 41 3.53 -6.42 22.82
N GLU A 42 2.47 -6.27 21.98
CA GLU A 42 2.58 -5.57 20.69
C GLU A 42 1.97 -4.17 20.78
N GLU A 43 1.81 -3.61 22.00
CA GLU A 43 1.19 -2.29 22.17
C GLU A 43 1.86 -1.20 21.33
N ARG A 44 3.19 -1.20 21.24
CA ARG A 44 3.85 -0.13 20.44
C ARG A 44 3.42 -0.14 18.96
N SER A 45 3.30 -1.34 18.35
CA SER A 45 2.89 -1.50 16.98
CA SER A 45 2.89 -1.44 16.96
C SER A 45 1.42 -1.06 16.81
N TRP A 46 0.56 -1.53 17.71
CA TRP A 46 -0.85 -1.18 17.64
C TRP A 46 -1.00 0.35 17.82
N PHE A 47 -0.32 0.90 18.82
CA PHE A 47 -0.47 2.33 19.09
C PHE A 47 0.01 3.18 17.91
N ARG A 48 1.15 2.80 17.33
CA ARG A 48 1.68 3.59 16.21
C ARG A 48 0.69 3.57 15.04
N GLU A 49 0.11 2.40 14.74
CA GLU A 49 -0.85 2.31 13.64
C GLU A 49 -2.14 3.10 13.94
N ALA A 50 -2.61 3.02 15.19
CA ALA A 50 -3.76 3.83 15.64
C ALA A 50 -3.46 5.33 15.46
N GLU A 51 -2.22 5.75 15.84
CA GLU A 51 -1.76 7.13 15.71
C GLU A 51 -1.82 7.58 14.25
N ILE A 52 -1.26 6.78 13.33
CA ILE A 52 -1.31 7.19 11.93
C ILE A 52 -2.74 7.30 11.44
N TYR A 53 -3.61 6.30 11.78
CA TYR A 53 -4.97 6.37 11.28
C TYR A 53 -5.77 7.53 11.82
N GLN A 54 -5.36 8.05 12.98
CA GLN A 54 -6.08 9.16 13.60
C GLN A 54 -5.55 10.51 13.12
N THR A 55 -4.57 10.51 12.21
CA THR A 55 -4.05 11.78 11.66
C THR A 55 -5.20 12.65 11.16
N VAL A 56 -5.16 13.95 11.49
CA VAL A 56 -6.15 14.88 11.00
C VAL A 56 -6.21 14.86 9.47
N MET A 57 -7.45 14.90 8.93
CA MET A 57 -7.72 14.94 7.49
C MET A 57 -7.16 13.77 6.68
N LEU A 58 -6.93 12.61 7.33
CA LEU A 58 -6.40 11.48 6.56
C LEU A 58 -7.45 10.81 5.66
N ARG A 59 -8.73 10.79 6.09
CA ARG A 59 -9.73 10.01 5.34
C ARG A 59 -9.81 10.34 3.88
N HIS A 60 -9.91 9.28 3.07
CA HIS A 60 -9.96 9.40 1.63
C HIS A 60 -10.51 8.12 1.07
N GLU A 61 -11.21 8.20 -0.08
CA GLU A 61 -11.80 7.01 -0.67
C GLU A 61 -10.80 5.90 -0.95
N ASN A 62 -9.51 6.26 -1.16
CA ASN A 62 -8.50 5.27 -1.49
C ASN A 62 -7.51 5.01 -0.36
N ILE A 63 -7.95 5.28 0.88
CA ILE A 63 -7.24 4.91 2.12
C ILE A 63 -8.24 4.10 2.93
N LEU A 64 -7.82 2.93 3.46
CA LEU A 64 -8.76 2.11 4.24
C LEU A 64 -9.44 2.93 5.35
N GLY A 65 -10.76 2.81 5.40
CA GLY A 65 -11.56 3.57 6.36
C GLY A 65 -11.39 3.08 7.78
N PHE A 66 -10.76 3.90 8.63
CA PHE A 66 -10.51 3.51 10.02
C PHE A 66 -11.75 3.79 10.85
N ILE A 67 -12.09 2.85 11.73
CA ILE A 67 -13.28 3.03 12.58
C ILE A 67 -12.86 3.32 14.01
N ALA A 68 -12.01 2.44 14.59
CA ALA A 68 -11.64 2.63 15.98
C ALA A 68 -10.42 1.92 16.38
N ALA A 69 -9.77 2.43 17.47
CA ALA A 69 -8.75 1.70 18.20
C ALA A 69 -9.38 1.45 19.56
N ASP A 70 -9.27 0.21 20.10
CA ASP A 70 -9.92 -0.06 21.40
C ASP A 70 -9.20 -1.20 22.09
N ASN A 71 -9.61 -1.52 23.31
CA ASN A 71 -9.05 -2.65 24.05
C ASN A 71 -10.24 -3.56 24.29
N LYS A 72 -9.97 -4.87 24.44
CA LYS A 72 -11.04 -5.80 24.84
C LYS A 72 -10.43 -6.78 25.86
N ASP A 73 -10.96 -6.77 27.11
CA ASP A 73 -10.47 -7.67 28.15
C ASP A 73 -11.43 -8.86 28.25
N ASN A 74 -10.96 -10.07 27.98
CA ASN A 74 -11.85 -11.23 28.01
C ASN A 74 -11.98 -11.84 29.40
N GLY A 75 -11.31 -11.28 30.40
CA GLY A 75 -11.29 -11.83 31.75
C GLY A 75 -9.99 -12.51 32.11
N THR A 76 -9.17 -12.85 31.08
CA THR A 76 -7.85 -13.45 31.26
C THR A 76 -6.75 -12.53 30.74
N TRP A 77 -6.90 -12.08 29.49
CA TRP A 77 -5.93 -11.17 28.91
C TRP A 77 -6.64 -10.07 28.15
N THR A 78 -5.86 -9.02 27.80
CA THR A 78 -6.42 -7.92 27.01
C THR A 78 -5.91 -8.01 25.58
N GLN A 79 -6.83 -7.85 24.64
CA GLN A 79 -6.52 -7.73 23.23
C GLN A 79 -6.54 -6.23 22.87
N LEU A 80 -5.69 -5.85 21.93
CA LEU A 80 -5.67 -4.49 21.40
C LEU A 80 -6.18 -4.54 20.00
N TRP A 81 -7.23 -3.77 19.74
CA TRP A 81 -7.94 -3.85 18.47
C TRP A 81 -7.81 -2.65 17.61
N LEU A 82 -7.73 -2.88 16.29
CA LEU A 82 -7.90 -1.84 15.29
C LEU A 82 -9.07 -2.30 14.45
N VAL A 83 -10.07 -1.44 14.28
CA VAL A 83 -11.28 -1.80 13.52
C VAL A 83 -11.37 -0.91 12.30
N SER A 84 -11.69 -1.53 11.15
CA SER A 84 -11.82 -0.79 9.90
C SER A 84 -13.02 -1.28 9.10
N ASP A 85 -13.28 -0.58 7.99
CA ASP A 85 -14.28 -1.04 7.03
C ASP A 85 -13.86 -2.45 6.57
N TYR A 86 -14.83 -3.27 6.19
CA TYR A 86 -14.56 -4.61 5.70
C TYR A 86 -14.73 -4.62 4.18
N HIS A 87 -13.75 -5.21 3.48
CA HIS A 87 -13.85 -5.34 2.02
C HIS A 87 -13.80 -6.84 1.65
N GLU A 88 -14.92 -7.35 1.10
CA GLU A 88 -15.07 -8.77 0.75
C GLU A 88 -13.99 -9.31 -0.19
N HIS A 89 -13.50 -8.50 -1.13
CA HIS A 89 -12.44 -8.96 -2.05
C HIS A 89 -11.08 -9.15 -1.41
N GLY A 90 -10.87 -8.58 -0.23
CA GLY A 90 -9.55 -8.68 0.40
C GLY A 90 -8.51 -7.90 -0.37
N SER A 91 -7.26 -8.38 -0.35
CA SER A 91 -6.19 -7.64 -0.96
C SER A 91 -6.18 -7.67 -2.48
N LEU A 92 -5.44 -6.73 -3.05
CA LEU A 92 -5.16 -6.66 -4.47
C LEU A 92 -4.40 -7.93 -4.91
N PHE A 93 -3.54 -8.44 -4.02
CA PHE A 93 -2.82 -9.70 -4.30
C PHE A 93 -3.90 -10.82 -4.49
N ASP A 94 -4.85 -10.92 -3.55
CA ASP A 94 -5.88 -11.96 -3.68
C ASP A 94 -6.72 -11.78 -4.95
N TYR A 95 -7.15 -10.54 -5.22
CA TYR A 95 -8.00 -10.17 -6.33
C TYR A 95 -7.32 -10.53 -7.64
N LEU A 96 -6.03 -10.13 -7.79
CA LEU A 96 -5.26 -10.42 -9.02
C LEU A 96 -4.97 -11.90 -9.22
N ASN A 97 -4.88 -12.67 -8.14
CA ASN A 97 -4.69 -14.12 -8.26
C ASN A 97 -5.99 -14.76 -8.76
N ARG A 98 -7.15 -14.27 -8.29
CA ARG A 98 -8.44 -14.86 -8.62
C ARG A 98 -8.99 -14.44 -9.99
N TYR A 99 -8.74 -13.19 -10.38
CA TYR A 99 -9.32 -12.61 -11.57
C TYR A 99 -8.36 -12.01 -12.54
N THR A 100 -8.88 -11.79 -13.78
CA THR A 100 -8.27 -10.98 -14.80
C THR A 100 -9.14 -9.75 -14.84
N VAL A 101 -8.58 -8.64 -15.32
CA VAL A 101 -9.27 -7.37 -15.42
C VAL A 101 -9.34 -6.89 -16.86
N THR A 102 -10.32 -6.02 -17.13
CA THR A 102 -10.47 -5.39 -18.43
C THR A 102 -9.52 -4.17 -18.42
N VAL A 103 -9.38 -3.46 -19.57
CA VAL A 103 -8.57 -2.26 -19.64
C VAL A 103 -9.13 -1.24 -18.63
N GLU A 104 -10.48 -1.12 -18.59
CA GLU A 104 -11.20 -0.24 -17.67
C GLU A 104 -10.87 -0.64 -16.20
N GLY A 105 -11.00 -1.92 -15.88
CA GLY A 105 -10.68 -2.48 -14.56
C GLY A 105 -9.27 -2.14 -14.13
N MET A 106 -8.30 -2.32 -15.04
CA MET A 106 -6.88 -2.02 -14.75
C MET A 106 -6.68 -0.53 -14.41
N ILE A 107 -7.26 0.37 -15.23
CA ILE A 107 -7.12 1.80 -15.01
C ILE A 107 -7.76 2.19 -13.68
N LYS A 108 -8.92 1.60 -13.36
CA LYS A 108 -9.60 1.87 -12.08
C LYS A 108 -8.71 1.49 -10.91
N LEU A 109 -8.08 0.29 -10.95
CA LEU A 109 -7.19 -0.13 -9.86
C LEU A 109 -5.95 0.74 -9.77
N ALA A 110 -5.32 1.04 -10.92
CA ALA A 110 -4.08 1.84 -10.89
C ALA A 110 -4.35 3.27 -10.46
N LEU A 111 -5.41 3.88 -11.03
CA LEU A 111 -5.76 5.26 -10.69
C LEU A 111 -6.12 5.42 -9.20
N SER A 112 -6.94 4.49 -8.68
CA SER A 112 -7.33 4.56 -7.26
C SER A 112 -6.13 4.37 -6.35
N THR A 113 -5.18 3.46 -6.70
CA THR A 113 -3.96 3.31 -5.88
C THR A 113 -3.14 4.61 -5.89
N ALA A 114 -2.91 5.19 -7.09
CA ALA A 114 -2.14 6.44 -7.17
C ALA A 114 -2.83 7.59 -6.44
N SER A 115 -4.17 7.64 -6.49
CA SER A 115 -4.93 8.69 -5.79
C SER A 115 -4.78 8.55 -4.26
N GLY A 116 -4.87 7.33 -3.75
CA GLY A 116 -4.64 7.07 -2.33
C GLY A 116 -3.22 7.43 -1.89
N LEU A 117 -2.22 7.08 -2.72
CA LEU A 117 -0.83 7.41 -2.38
C LEU A 117 -0.58 8.91 -2.47
N ALA A 118 -1.14 9.59 -3.49
CA ALA A 118 -0.97 11.03 -3.60
C ALA A 118 -1.61 11.72 -2.38
N HIS A 119 -2.78 11.22 -1.92
CA HIS A 119 -3.39 11.78 -0.71
C HIS A 119 -2.51 11.54 0.52
N LEU A 120 -1.93 10.34 0.65
CA LEU A 120 -1.04 10.08 1.78
C LEU A 120 0.18 11.02 1.72
N HIS A 121 0.82 11.12 0.54
CA HIS A 121 2.01 11.95 0.35
C HIS A 121 1.81 13.46 0.52
N MET A 122 0.62 13.95 0.23
CA MET A 122 0.33 15.39 0.16
C MET A 122 0.18 16.03 1.55
N GLU A 123 0.82 17.19 1.76
CA GLU A 123 0.59 17.94 2.98
C GLU A 123 -0.65 18.76 2.70
N ILE A 124 -1.58 18.86 3.68
CA ILE A 124 -2.75 19.75 3.55
C ILE A 124 -2.47 20.87 4.52
N VAL A 125 -2.27 22.06 3.98
CA VAL A 125 -1.96 23.21 4.80
C VAL A 125 -3.28 23.88 5.21
N GLY A 126 -3.41 24.15 6.49
CA GLY A 126 -4.59 24.80 7.04
C GLY A 126 -4.82 24.61 8.51
N THR A 127 -5.92 25.15 9.00
CA THR A 127 -6.29 25.00 10.40
C THR A 127 -6.29 23.53 10.85
N GLN A 128 -6.97 22.67 10.12
CA GLN A 128 -7.02 21.23 10.40
C GLN A 128 -6.06 20.63 9.38
N GLY A 129 -4.77 20.82 9.63
CA GLY A 129 -3.75 20.42 8.65
C GLY A 129 -3.43 18.94 8.69
N LYS A 130 -3.04 18.41 7.54
CA LYS A 130 -2.63 17.01 7.42
C LYS A 130 -1.14 17.00 7.08
N PRO A 131 -0.29 16.29 7.83
CA PRO A 131 1.12 16.20 7.45
C PRO A 131 1.27 15.26 6.25
N ALA A 132 2.35 15.41 5.51
CA ALA A 132 2.65 14.44 4.46
C ALA A 132 3.04 13.13 5.17
N ILE A 133 2.65 11.97 4.58
CA ILE A 133 2.93 10.66 5.17
C ILE A 133 3.51 9.77 4.09
N ALA A 134 4.56 9.00 4.42
CA ALA A 134 5.08 8.01 3.47
C ALA A 134 4.78 6.63 4.09
N HIS A 135 4.38 5.67 3.27
CA HIS A 135 3.91 4.35 3.75
C HIS A 135 5.01 3.41 4.28
N ARG A 136 6.09 3.26 3.48
CA ARG A 136 7.28 2.44 3.76
C ARG A 136 7.08 0.92 3.57
N ASP A 137 5.87 0.46 3.22
CA ASP A 137 5.68 -0.98 2.98
C ASP A 137 4.54 -1.21 1.99
N LEU A 138 4.53 -0.45 0.88
CA LEU A 138 3.47 -0.60 -0.11
C LEU A 138 3.72 -1.85 -0.93
N LYS A 139 2.67 -2.64 -1.09
CA LYS A 139 2.70 -3.87 -1.89
C LYS A 139 1.29 -4.30 -2.17
N SER A 140 1.13 -5.25 -3.09
CA SER A 140 -0.21 -5.68 -3.43
C SER A 140 -0.94 -6.37 -2.26
N LYS A 141 -0.20 -6.95 -1.32
CA LYS A 141 -0.83 -7.58 -0.13
C LYS A 141 -1.39 -6.57 0.87
N ASN A 142 -1.03 -5.28 0.78
N ASN A 142 -0.94 -5.27 0.74
CA ASN A 142 -1.70 -4.43 1.78
CA ASN A 142 -1.31 -4.11 1.58
C ASN A 142 -2.53 -3.33 1.12
C ASN A 142 -2.25 -3.11 0.93
N ILE A 143 -2.91 -3.55 -0.15
CA ILE A 143 -3.85 -2.70 -0.87
C ILE A 143 -5.07 -3.58 -0.93
N LEU A 144 -6.24 -3.02 -0.63
CA LEU A 144 -7.49 -3.78 -0.61
C LEU A 144 -8.35 -3.34 -1.79
N VAL A 145 -9.21 -4.24 -2.27
CA VAL A 145 -10.08 -3.91 -3.41
C VAL A 145 -11.51 -3.82 -2.90
N LYS A 146 -12.16 -2.68 -3.16
CA LYS A 146 -13.55 -2.47 -2.73
C LYS A 146 -14.51 -3.13 -3.70
N LYS A 147 -15.79 -3.24 -3.29
CA LYS A 147 -16.82 -3.81 -4.15
C LYS A 147 -16.92 -3.04 -5.51
N ASN A 148 -16.67 -1.73 -5.51
CA ASN A 148 -16.77 -0.94 -6.74
C ASN A 148 -15.54 -1.06 -7.67
N GLY A 149 -14.60 -1.94 -7.34
CA GLY A 149 -13.44 -2.17 -8.19
C GLY A 149 -12.32 -1.16 -8.08
N THR A 150 -12.33 -0.32 -7.02
CA THR A 150 -11.29 0.65 -6.75
C THR A 150 -10.55 0.13 -5.55
N CYS A 151 -9.33 0.61 -5.35
CA CYS A 151 -8.45 0.18 -4.26
C CYS A 151 -8.47 1.14 -3.10
N CYS A 152 -8.04 0.64 -1.96
CA CYS A 152 -7.69 1.48 -0.82
C CYS A 152 -6.44 0.95 -0.13
N ILE A 153 -5.55 1.86 0.25
CA ILE A 153 -4.29 1.52 0.91
C ILE A 153 -4.51 1.19 2.38
N ALA A 154 -3.90 0.08 2.85
CA ALA A 154 -4.03 -0.35 4.24
C ALA A 154 -2.63 -0.62 4.85
N ASP A 155 -2.61 -1.09 6.10
CA ASP A 155 -1.42 -1.44 6.89
C ASP A 155 -0.42 -0.29 6.96
N LEU A 156 -0.86 0.76 7.66
CA LEU A 156 -0.08 1.98 7.81
C LEU A 156 0.86 1.98 9.01
N GLY A 157 1.07 0.82 9.65
CA GLY A 157 1.89 0.73 10.85
C GLY A 157 3.31 1.23 10.72
N LEU A 158 3.90 1.13 9.51
CA LEU A 158 5.29 1.52 9.32
C LEU A 158 5.39 2.95 8.76
N ALA A 159 4.27 3.65 8.64
CA ALA A 159 4.33 4.98 8.06
C ALA A 159 5.14 6.01 8.86
N VAL A 160 5.59 7.03 8.14
CA VAL A 160 6.31 8.16 8.76
C VAL A 160 5.62 9.46 8.37
N ARG A 161 5.51 10.39 9.32
CA ARG A 161 4.85 11.69 9.08
C ARG A 161 5.86 12.82 9.10
N HIS A 162 5.68 13.78 8.21
CA HIS A 162 6.61 14.91 8.05
C HIS A 162 6.10 16.18 8.67
N ASP A 163 7.01 16.97 9.28
CA ASP A 163 6.73 18.33 9.76
C ASP A 163 7.46 19.22 8.76
N SER A 164 6.72 19.87 7.84
CA SER A 164 7.36 20.60 6.75
C SER A 164 8.14 21.86 7.15
N ALA A 165 7.79 22.50 8.27
CA ALA A 165 8.50 23.73 8.67
C ALA A 165 9.96 23.49 9.13
N THR A 166 10.26 22.26 9.60
CA THR A 166 11.60 21.88 10.08
C THR A 166 12.29 20.86 9.16
N ASP A 167 11.50 20.16 8.33
CA ASP A 167 11.93 19.05 7.48
C ASP A 167 12.43 17.92 8.39
N THR A 168 11.57 17.57 9.35
CA THR A 168 11.80 16.49 10.31
C THR A 168 10.64 15.49 10.23
N ILE A 169 10.94 14.27 10.66
CA ILE A 169 10.06 13.11 10.66
CA ILE A 169 9.99 13.16 10.69
C ILE A 169 9.68 12.81 12.13
N ASP A 170 8.45 12.31 12.39
CA ASP A 170 7.98 12.07 13.74
C ASP A 170 8.56 10.86 14.47
N ILE A 171 9.36 10.04 13.80
CA ILE A 171 10.03 8.93 14.44
C ILE A 171 11.47 8.88 13.94
N ALA A 172 12.28 8.04 14.57
CA ALA A 172 13.66 7.77 14.18
C ALA A 172 13.57 6.42 13.45
N PRO A 173 13.56 6.43 12.10
CA PRO A 173 13.35 5.18 11.36
C PRO A 173 14.53 4.23 11.39
N ASN A 174 14.20 2.95 11.42
CA ASN A 174 15.16 1.86 11.35
C ASN A 174 15.43 1.62 9.87
N HIS A 175 16.55 0.99 9.56
CA HIS A 175 16.88 0.72 8.16
C HIS A 175 16.20 -0.56 7.71
N ARG A 176 15.73 -0.56 6.45
CA ARG A 176 15.16 -1.74 5.77
C ARG A 176 14.01 -2.41 6.54
N VAL A 177 12.95 -1.66 6.83
CA VAL A 177 11.80 -2.14 7.63
C VAL A 177 10.73 -2.95 6.88
N GLY A 178 10.57 -2.67 5.61
CA GLY A 178 9.50 -3.22 4.80
C GLY A 178 9.71 -4.60 4.23
N THR A 179 8.96 -4.88 3.17
CA THR A 179 8.96 -6.17 2.47
C THR A 179 10.13 -6.13 1.51
N LYS A 180 11.04 -7.09 1.67
CA LYS A 180 12.29 -7.09 0.87
C LYS A 180 12.07 -7.04 -0.64
N ARG A 181 11.13 -7.81 -1.19
CA ARG A 181 10.89 -7.80 -2.65
C ARG A 181 10.57 -6.43 -3.23
N TYR A 182 9.89 -5.58 -2.43
CA TYR A 182 9.45 -4.27 -2.89
C TYR A 182 10.37 -3.11 -2.49
N MET A 183 11.49 -3.42 -1.80
CA MET A 183 12.42 -2.37 -1.35
C MET A 183 13.05 -1.66 -2.49
N ALA A 184 13.07 -0.33 -2.42
CA ALA A 184 13.67 0.45 -3.48
C ALA A 184 15.19 0.21 -3.53
N PRO A 185 15.81 0.45 -4.69
CA PRO A 185 17.28 0.25 -4.81
C PRO A 185 18.08 0.93 -3.69
N GLU A 186 17.73 2.18 -3.35
CA GLU A 186 18.45 2.94 -2.31
C GLU A 186 18.21 2.39 -0.88
N VAL A 187 17.13 1.63 -0.70
CA VAL A 187 16.86 0.98 0.56
C VAL A 187 17.71 -0.31 0.63
N LEU A 188 17.74 -1.08 -0.48
CA LEU A 188 18.51 -2.31 -0.54
C LEU A 188 20.01 -2.06 -0.34
N ASP A 189 20.55 -1.00 -0.92
CA ASP A 189 21.98 -0.74 -0.78
C ASP A 189 22.30 0.19 0.38
N ASP A 190 21.25 0.60 1.16
CA ASP A 190 21.36 1.42 2.37
C ASP A 190 21.96 2.83 2.12
N SER A 191 21.87 3.29 0.89
CA SER A 191 22.33 4.62 0.50
C SER A 191 21.24 5.67 0.76
N ILE A 192 19.99 5.24 1.04
CA ILE A 192 18.89 6.18 1.27
C ILE A 192 19.22 7.18 2.39
N ASN A 193 18.96 8.47 2.12
CA ASN A 193 19.18 9.50 3.14
C ASN A 193 17.87 9.58 3.95
N MET A 194 17.85 8.94 5.10
CA MET A 194 16.65 8.86 5.93
C MET A 194 16.35 10.14 6.71
N LYS A 195 17.22 11.16 6.57
CA LYS A 195 17.05 12.47 7.20
C LYS A 195 16.20 13.37 6.31
N HIS A 196 15.93 12.94 5.07
CA HIS A 196 15.13 13.69 4.11
C HIS A 196 13.83 12.91 3.88
N PHE A 197 12.68 13.48 4.31
CA PHE A 197 11.37 12.83 4.17
C PHE A 197 11.08 12.45 2.72
N GLU A 198 11.48 13.31 1.76
CA GLU A 198 11.27 13.07 0.35
C GLU A 198 11.83 11.71 -0.09
N SER A 199 12.90 11.21 0.57
CA SER A 199 13.48 9.90 0.23
C SER A 199 12.43 8.79 0.44
N PHE A 200 11.61 8.92 1.50
CA PHE A 200 10.57 7.90 1.75
C PHE A 200 9.43 7.92 0.73
N LYS A 201 8.99 9.12 0.31
CA LYS A 201 7.98 9.27 -0.74
C LYS A 201 8.47 8.57 -2.02
N ARG A 202 9.71 8.87 -2.42
CA ARG A 202 10.34 8.33 -3.61
C ARG A 202 10.44 6.81 -3.56
N ALA A 203 10.78 6.24 -2.39
CA ALA A 203 10.83 4.77 -2.24
C ALA A 203 9.42 4.17 -2.41
N ASP A 204 8.36 4.85 -1.90
CA ASP A 204 7.00 4.34 -2.11
C ASP A 204 6.64 4.27 -3.60
N ILE A 205 7.14 5.24 -4.41
CA ILE A 205 6.79 5.29 -5.84
C ILE A 205 7.36 4.09 -6.58
N TYR A 206 8.60 3.70 -6.21
CA TYR A 206 9.23 2.53 -6.81
C TYR A 206 8.32 1.30 -6.56
N ALA A 207 7.85 1.17 -5.30
CA ALA A 207 7.00 0.01 -4.95
C ALA A 207 5.67 0.07 -5.70
N MET A 208 5.07 1.27 -5.82
CA MET A 208 3.84 1.42 -6.59
C MET A 208 4.05 1.00 -8.06
N GLY A 209 5.22 1.34 -8.65
CA GLY A 209 5.53 0.87 -10.00
C GLY A 209 5.48 -0.65 -10.09
N LEU A 210 6.03 -1.35 -9.08
CA LEU A 210 5.96 -2.83 -9.04
C LEU A 210 4.50 -3.31 -8.97
N VAL A 211 3.69 -2.67 -8.13
CA VAL A 211 2.28 -3.04 -8.06
C VAL A 211 1.56 -2.84 -9.42
N PHE A 212 1.86 -1.75 -10.16
CA PHE A 212 1.25 -1.50 -11.47
C PHE A 212 1.61 -2.62 -12.44
N TRP A 213 2.87 -3.11 -12.35
CA TRP A 213 3.27 -4.24 -13.17
C TRP A 213 2.40 -5.46 -12.86
N GLU A 214 2.13 -5.74 -11.56
CA GLU A 214 1.29 -6.89 -11.19
C GLU A 214 -0.11 -6.75 -11.76
N ILE A 215 -0.67 -5.54 -11.75
CA ILE A 215 -2.02 -5.31 -12.31
C ILE A 215 -2.01 -5.51 -13.84
N ALA A 216 -1.07 -4.86 -14.53
CA ALA A 216 -1.01 -4.91 -16.01
C ALA A 216 -0.92 -6.33 -16.54
N ARG A 217 -0.20 -7.23 -15.86
CA ARG A 217 -0.11 -8.65 -16.26
C ARG A 217 -1.48 -9.33 -16.35
N ARG A 218 -2.42 -8.88 -15.54
CA ARG A 218 -3.76 -9.45 -15.46
C ARG A 218 -4.76 -8.76 -16.34
N CYS A 219 -4.32 -7.77 -17.12
CA CYS A 219 -5.21 -7.05 -18.03
C CYS A 219 -5.45 -7.91 -19.28
N SER A 220 -6.67 -8.43 -19.44
CA SER A 220 -7.05 -9.31 -20.56
C SER A 220 -7.65 -8.52 -21.74
N ILE A 221 -7.00 -8.59 -22.91
CA ILE A 221 -7.46 -7.95 -24.16
C ILE A 221 -7.56 -9.05 -25.21
N GLY A 222 -8.76 -9.28 -25.73
CA GLY A 222 -9.02 -10.34 -26.70
C GLY A 222 -8.61 -11.71 -26.17
N GLY A 223 -8.89 -11.93 -24.87
CA GLY A 223 -8.55 -13.13 -24.13
C GLY A 223 -7.07 -13.30 -23.84
N ILE A 224 -6.24 -12.29 -24.17
CA ILE A 224 -4.79 -12.41 -23.95
C ILE A 224 -4.39 -11.68 -22.67
N HIS A 225 -3.67 -12.38 -21.80
CA HIS A 225 -3.13 -11.85 -20.54
C HIS A 225 -2.01 -12.77 -20.02
N GLU A 226 -1.26 -12.29 -19.02
CA GLU A 226 -0.20 -13.08 -18.39
C GLU A 226 -0.76 -13.71 -17.10
N ASP A 227 -0.10 -14.75 -16.56
CA ASP A 227 -0.57 -15.36 -15.31
C ASP A 227 -0.12 -14.47 -14.13
N TYR A 228 -0.75 -14.64 -12.96
CA TYR A 228 -0.36 -13.81 -11.83
C TYR A 228 1.09 -14.13 -11.39
N GLN A 229 1.91 -13.07 -11.14
CA GLN A 229 3.21 -13.28 -10.53
C GLN A 229 3.56 -12.07 -9.67
N LEU A 230 4.33 -12.32 -8.62
CA LEU A 230 4.91 -11.22 -7.84
C LEU A 230 6.06 -10.59 -8.67
N PRO A 231 6.38 -9.31 -8.47
CA PRO A 231 7.57 -8.74 -9.17
C PRO A 231 8.84 -9.53 -8.79
N TYR A 232 9.71 -9.79 -9.78
CA TYR A 232 10.98 -10.52 -9.60
C TYR A 232 10.81 -12.04 -9.38
N TYR A 233 9.63 -12.57 -9.70
CA TYR A 233 9.34 -14.01 -9.55
C TYR A 233 10.33 -14.85 -10.38
N ASP A 234 10.86 -14.24 -11.45
CA ASP A 234 11.78 -14.82 -12.44
C ASP A 234 13.26 -14.69 -12.04
N LEU A 235 13.55 -13.98 -10.93
CA LEU A 235 14.94 -13.67 -10.57
C LEU A 235 15.38 -13.97 -9.14
N VAL A 236 14.42 -14.11 -8.20
CA VAL A 236 14.74 -14.30 -6.80
C VAL A 236 13.89 -15.43 -6.23
N PRO A 237 14.30 -16.04 -5.12
CA PRO A 237 13.44 -17.08 -4.52
C PRO A 237 12.19 -16.47 -3.85
N SER A 238 11.22 -17.32 -3.43
CA SER A 238 10.11 -16.81 -2.62
C SER A 238 10.81 -16.45 -1.30
N ASP A 239 10.30 -15.48 -0.59
CA ASP A 239 10.91 -14.95 0.63
C ASP A 239 12.41 -14.58 0.43
N PRO A 240 12.70 -13.66 -0.51
CA PRO A 240 14.10 -13.32 -0.80
C PRO A 240 14.76 -12.50 0.30
N SER A 241 16.10 -12.61 0.42
CA SER A 241 16.86 -11.83 1.37
C SER A 241 17.16 -10.46 0.77
N VAL A 242 17.63 -9.54 1.61
CA VAL A 242 18.08 -8.22 1.13
C VAL A 242 19.22 -8.43 0.12
N GLU A 243 20.17 -9.32 0.42
CA GLU A 243 21.32 -9.60 -0.46
C GLU A 243 20.88 -10.12 -1.83
N GLU A 244 19.92 -11.07 -1.87
CA GLU A 244 19.40 -11.58 -3.15
C GLU A 244 18.75 -10.47 -3.95
N MET A 245 17.93 -9.64 -3.29
CA MET A 245 17.28 -8.54 -3.99
C MET A 245 18.32 -7.50 -4.49
N ARG A 246 19.28 -7.15 -3.63
CA ARG A 246 20.29 -6.15 -3.95
C ARG A 246 21.10 -6.58 -5.19
N LYS A 247 21.47 -7.87 -5.27
CA LYS A 247 22.28 -8.34 -6.43
C LYS A 247 21.51 -8.15 -7.73
N VAL A 248 20.17 -8.37 -7.71
CA VAL A 248 19.35 -8.23 -8.91
C VAL A 248 19.05 -6.77 -9.22
N VAL A 249 18.54 -6.02 -8.22
CA VAL A 249 18.04 -4.68 -8.40
C VAL A 249 19.13 -3.62 -8.50
N CYS A 250 20.16 -3.74 -7.65
CA CYS A 250 21.21 -2.70 -7.61
C CYS A 250 22.38 -3.01 -8.50
N GLU A 251 22.83 -4.27 -8.48
CA GLU A 251 24.05 -4.67 -9.22
C GLU A 251 23.77 -5.01 -10.67
N GLN A 252 22.88 -5.99 -10.93
CA GLN A 252 22.58 -6.34 -12.33
C GLN A 252 21.66 -5.30 -12.96
N LYS A 253 20.97 -4.51 -12.10
CA LYS A 253 20.09 -3.41 -12.53
C LYS A 253 18.86 -3.88 -13.34
N LEU A 254 18.31 -5.03 -12.95
CA LEU A 254 17.12 -5.56 -13.62
C LEU A 254 15.85 -5.09 -12.93
N ARG A 255 14.80 -5.04 -13.72
CA ARG A 255 13.46 -4.68 -13.27
C ARG A 255 12.49 -5.73 -13.83
N PRO A 256 11.23 -5.78 -13.37
CA PRO A 256 10.29 -6.73 -13.98
C PRO A 256 10.16 -6.48 -15.49
N ASN A 257 10.05 -7.58 -16.24
CA ASN A 257 10.00 -7.50 -17.70
C ASN A 257 8.70 -6.90 -18.20
N ILE A 258 8.82 -5.97 -19.19
CA ILE A 258 7.67 -5.37 -19.84
C ILE A 258 7.41 -6.14 -21.15
N PRO A 259 6.34 -6.96 -21.19
CA PRO A 259 6.06 -7.76 -22.41
C PRO A 259 5.79 -6.93 -23.64
N ASN A 260 6.10 -7.52 -24.82
CA ASN A 260 5.89 -6.89 -26.13
C ASN A 260 4.42 -6.54 -26.37
N ARG A 261 3.48 -7.41 -25.94
CA ARG A 261 2.04 -7.20 -26.14
C ARG A 261 1.48 -5.94 -25.43
N TRP A 262 2.29 -5.25 -24.57
CA TRP A 262 1.87 -4.03 -23.88
C TRP A 262 2.10 -2.78 -24.74
N GLN A 263 2.83 -2.92 -25.85
CA GLN A 263 3.04 -1.81 -26.78
C GLN A 263 1.87 -1.67 -27.77
N SER A 264 1.05 -2.73 -27.91
CA SER A 264 -0.08 -2.80 -28.83
C SER A 264 -1.41 -2.15 -28.34
N CYS A 265 -1.43 -1.67 -27.09
CA CYS A 265 -2.60 -1.06 -26.45
C CYS A 265 -2.21 0.30 -25.83
N GLU A 266 -2.98 1.37 -26.09
CA GLU A 266 -2.64 2.69 -25.54
C GLU A 266 -2.56 2.67 -23.99
N ALA A 267 -3.56 2.07 -23.35
CA ALA A 267 -3.62 1.99 -21.87
C ALA A 267 -2.39 1.25 -21.32
N LEU A 268 -2.01 0.13 -21.95
CA LEU A 268 -0.81 -0.63 -21.52
C LEU A 268 0.49 0.13 -21.84
N ARG A 269 0.52 0.94 -22.93
CA ARG A 269 1.70 1.77 -23.22
C ARG A 269 1.90 2.81 -22.12
N VAL A 270 0.81 3.45 -21.67
CA VAL A 270 0.78 4.49 -20.63
C VAL A 270 1.25 3.87 -19.32
N MET A 271 0.70 2.71 -18.97
CA MET A 271 1.08 1.97 -17.74
C MET A 271 2.56 1.58 -17.77
N ALA A 272 3.05 1.02 -18.91
CA ALA A 272 4.45 0.58 -19.05
C ALA A 272 5.41 1.75 -18.91
N LYS A 273 5.04 2.93 -19.46
CA LYS A 273 5.87 4.13 -19.33
C LYS A 273 5.90 4.60 -17.86
N ILE A 274 4.74 4.52 -17.17
CA ILE A 274 4.69 4.89 -15.75
C ILE A 274 5.64 4.00 -14.95
N MET A 275 5.56 2.69 -15.16
CA MET A 275 6.47 1.74 -14.48
C MET A 275 7.91 2.09 -14.63
N ARG A 276 8.38 2.31 -15.90
CA ARG A 276 9.77 2.63 -16.16
C ARG A 276 10.20 3.86 -15.37
N GLU A 277 9.31 4.87 -15.32
CA GLU A 277 9.56 6.15 -14.64
C GLU A 277 9.41 6.09 -13.10
N CYS A 278 8.99 4.95 -12.57
CA CYS A 278 8.96 4.62 -11.12
C CYS A 278 10.22 3.84 -10.75
N TRP A 279 10.88 3.22 -11.74
CA TRP A 279 11.95 2.27 -11.47
C TRP A 279 13.40 2.75 -11.57
N TYR A 280 13.65 4.06 -11.83
CA TYR A 280 15.04 4.54 -11.82
C TYR A 280 15.70 4.26 -10.49
N ALA A 281 17.02 3.95 -10.48
CA ALA A 281 17.76 3.70 -9.22
C ALA A 281 17.77 4.94 -8.33
N ASN A 282 17.79 6.11 -8.96
CA ASN A 282 17.81 7.37 -8.25
C ASN A 282 16.36 7.88 -8.04
N GLY A 283 15.94 7.92 -6.78
CA GLY A 283 14.60 8.37 -6.39
C GLY A 283 14.20 9.75 -6.90
N ALA A 284 15.19 10.68 -6.98
CA ALA A 284 14.94 12.04 -7.43
C ALA A 284 14.45 12.09 -8.89
N ALA A 285 14.76 11.03 -9.66
CA ALA A 285 14.35 10.92 -11.06
C ALA A 285 12.93 10.38 -11.26
N ARG A 286 12.32 9.76 -10.22
CA ARG A 286 11.00 9.14 -10.37
C ARG A 286 9.84 10.11 -10.47
N LEU A 287 8.74 9.67 -11.06
CA LEU A 287 7.48 10.43 -11.10
C LEU A 287 6.93 10.59 -9.67
N THR A 288 6.11 11.62 -9.44
CA THR A 288 5.43 11.78 -8.13
C THR A 288 4.08 11.07 -8.23
N ALA A 289 3.47 10.73 -7.07
CA ALA A 289 2.14 10.11 -7.11
C ALA A 289 1.12 11.07 -7.72
N LEU A 290 1.26 12.37 -7.47
CA LEU A 290 0.32 13.35 -8.04
C LEU A 290 0.40 13.36 -9.57
N ARG A 291 1.63 13.27 -10.13
CA ARG A 291 1.80 13.24 -11.58
C ARG A 291 1.20 11.97 -12.17
N ILE A 292 1.40 10.82 -11.49
CA ILE A 292 0.82 9.56 -11.97
C ILE A 292 -0.71 9.63 -11.94
N LYS A 293 -1.27 10.23 -10.86
CA LYS A 293 -2.70 10.39 -10.73
C LYS A 293 -3.25 11.24 -11.94
N LYS A 294 -2.56 12.34 -12.28
CA LYS A 294 -2.95 13.23 -13.39
C LYS A 294 -2.96 12.45 -14.71
N THR A 295 -1.88 11.67 -14.96
CA THR A 295 -1.73 10.87 -16.17
C THR A 295 -2.85 9.80 -16.30
N LEU A 296 -3.13 9.04 -15.21
CA LEU A 296 -4.18 8.04 -15.28
C LEU A 296 -5.57 8.64 -15.33
N SER A 297 -5.76 9.85 -14.77
CA SER A 297 -7.05 10.54 -14.80
C SER A 297 -7.35 10.95 -16.25
N GLN A 298 -6.35 11.48 -16.96
CA GLN A 298 -6.43 11.83 -18.40
C GLN A 298 -6.74 10.58 -19.23
N LEU A 299 -6.09 9.44 -18.89
CA LEU A 299 -6.35 8.15 -19.56
C LEU A 299 -7.76 7.61 -19.27
N SER A 300 -8.24 7.70 -18.00
CA SER A 300 -9.57 7.25 -17.58
C SER A 300 -10.68 8.06 -18.30
N GLN A 301 -10.48 9.38 -18.42
CA GLN A 301 -11.37 10.33 -19.09
C GLN A 301 -11.56 9.92 -20.55
N GLN A 302 -10.44 9.80 -21.28
CA GLN A 302 -10.38 9.38 -22.69
C GLN A 302 -11.00 7.98 -22.91
N GLU A 303 -10.74 7.03 -21.99
CA GLU A 303 -11.25 5.66 -22.07
C GLU A 303 -12.45 5.43 -21.14
#